data_5MUK
#
_entry.id   5MUK
#
_cell.length_a   119.878
_cell.length_b   119.878
_cell.length_c   52.432
_cell.angle_alpha   90.00
_cell.angle_beta   90.00
_cell.angle_gamma   120.00
#
_symmetry.space_group_name_H-M   'P 61'
#
loop_
_entity.id
_entity.type
_entity.pdbx_description
1 polymer Neuraminidase
2 water water
#
_entity_poly.entity_id   1
_entity_poly.type   'polypeptide(L)'
_entity_poly.pdbx_seq_one_letter_code
;MGSSHHHHHHSSGPQQGLRQQKLVEVAKGYSCTSVNTTIFRNNSLVTHGDEQYISYYDADGYLVLGKRKLNSKQWTLHRT
QYRGNVKDAHNIISIMVDGEGYLHVSFDHHGHKLNYCRSIAPGSLELGDKMPMTGVDEGNVTYPEFYPLTDGDLLFVYRS
GSSGRGNLVMNRYSLKDHKWARVQDVLIDGEDKRNAYWQLYVDEKGTIHLSWVWRETWQVETNHDLCYARSFDNGVTWYK
SDGEQYKLPITASNAEYACRIPQNSELINQTSMSADAGGNPYIATYWRSSDSEVPQYRIVWNDGKTWHNRQVTDRKTPFT
LKGGGTKMIPVARPRIVVEDGEIFYIFRDEERGSRVSMAHTADVANGKWIVTDLTDFSVDAWEPSHDTELWKKQRKLNLF
VQHTCQGDGERTAEIEPQMIYVLEANTNTKK
;
_entity_poly.pdbx_strand_id   A
#
# COMPACT_ATOMS: atom_id res chain seq x y z
N GLN A 20 -7.75 -25.65 7.11
CA GLN A 20 -8.42 -24.47 6.50
C GLN A 20 -7.42 -23.43 5.95
N GLN A 21 -6.54 -22.86 6.78
CA GLN A 21 -5.44 -22.00 6.25
C GLN A 21 -4.58 -22.79 5.28
N LYS A 22 -4.09 -22.15 4.20
CA LYS A 22 -3.21 -22.80 3.24
C LYS A 22 -2.02 -21.93 2.91
N LEU A 23 -0.87 -22.53 2.70
CA LEU A 23 0.32 -21.87 2.22
C LEU A 23 0.61 -22.42 0.81
N VAL A 24 0.19 -21.67 -0.20
CA VAL A 24 0.19 -22.12 -1.59
C VAL A 24 1.46 -21.70 -2.30
N GLU A 25 2.21 -22.65 -2.84
CA GLU A 25 3.43 -22.35 -3.53
C GLU A 25 3.18 -21.60 -4.83
N VAL A 26 4.05 -20.65 -5.11
CA VAL A 26 4.10 -20.00 -6.42
C VAL A 26 5.33 -20.48 -7.16
N ALA A 27 6.46 -19.86 -6.89
CA ALA A 27 7.75 -20.20 -7.46
C ALA A 27 8.81 -19.49 -6.66
N LYS A 28 10.07 -19.86 -6.88
CA LYS A 28 11.17 -19.18 -6.22
C LYS A 28 11.50 -17.86 -6.90
N GLY A 29 11.82 -16.88 -6.08
CA GLY A 29 12.16 -15.53 -6.54
C GLY A 29 13.34 -14.99 -5.81
N TYR A 30 13.88 -13.89 -6.31
CA TYR A 30 14.98 -13.16 -5.65
C TYR A 30 14.57 -12.72 -4.26
N SER A 44 1.22 -6.24 -5.18
CA SER A 44 1.87 -7.26 -5.96
C SER A 44 1.05 -8.59 -6.13
N LEU A 45 -0.12 -8.63 -5.53
CA LEU A 45 -1.07 -9.74 -5.57
C LEU A 45 -2.44 -9.11 -5.76
N VAL A 46 -3.14 -9.42 -6.85
N VAL A 46 -3.16 -9.49 -6.82
CA VAL A 46 -4.44 -8.78 -7.09
CA VAL A 46 -4.39 -8.80 -7.20
C VAL A 46 -5.41 -9.73 -7.77
C VAL A 46 -5.44 -9.73 -7.82
N THR A 47 -6.64 -9.78 -7.25
CA THR A 47 -7.72 -10.58 -7.82
C THR A 47 -8.60 -9.73 -8.72
N HIS A 48 -8.92 -10.31 -9.86
CA HIS A 48 -9.95 -9.79 -10.75
C HIS A 48 -10.85 -10.95 -11.15
N GLY A 49 -12.14 -10.83 -10.77
CA GLY A 49 -13.09 -11.94 -10.99
C GLY A 49 -12.64 -13.18 -10.21
N ASP A 50 -12.46 -14.28 -10.92
CA ASP A 50 -12.07 -15.54 -10.31
C ASP A 50 -10.61 -15.84 -10.49
N GLU A 51 -9.80 -14.83 -10.89
CA GLU A 51 -8.38 -15.06 -11.13
C GLU A 51 -7.55 -14.14 -10.27
N GLN A 52 -6.46 -14.69 -9.75
CA GLN A 52 -5.50 -13.96 -8.93
C GLN A 52 -4.20 -13.84 -9.67
N TYR A 53 -3.75 -12.60 -9.80
CA TYR A 53 -2.50 -12.24 -10.44
C TYR A 53 -1.41 -11.96 -9.45
N ILE A 54 -0.18 -12.27 -9.84
CA ILE A 54 0.99 -12.00 -9.02
C ILE A 54 2.14 -11.52 -9.87
N SER A 55 3.06 -10.76 -9.27
CA SER A 55 4.25 -10.25 -9.93
CA SER A 55 4.28 -10.38 -9.95
C SER A 55 5.46 -10.42 -9.01
N TYR A 56 6.61 -10.81 -9.56
CA TYR A 56 7.83 -10.96 -8.78
C TYR A 56 9.02 -11.02 -9.74
N TYR A 57 10.21 -10.92 -9.19
CA TYR A 57 11.44 -11.14 -9.98
C TYR A 57 11.93 -12.53 -9.73
N ASP A 58 12.22 -13.27 -10.79
CA ASP A 58 12.75 -14.64 -10.67
C ASP A 58 14.25 -14.63 -10.30
N ALA A 59 14.84 -15.82 -10.22
CA ALA A 59 16.27 -15.95 -9.85
C ALA A 59 17.20 -15.21 -10.81
N ASP A 60 16.87 -15.24 -12.09
CA ASP A 60 17.68 -14.58 -13.13
C ASP A 60 17.37 -13.10 -13.27
N GLY A 61 16.49 -12.57 -12.41
CA GLY A 61 16.19 -11.16 -12.37
C GLY A 61 15.11 -10.72 -13.34
N TYR A 62 14.40 -11.65 -13.97
CA TYR A 62 13.33 -11.29 -14.90
C TYR A 62 12.03 -11.03 -14.16
N LEU A 63 11.32 -10.01 -14.62
CA LEU A 63 9.99 -9.71 -14.11
CA LEU A 63 9.97 -9.70 -14.12
C LEU A 63 9.06 -10.82 -14.62
N VAL A 64 8.40 -11.52 -13.69
CA VAL A 64 7.45 -12.57 -14.03
C VAL A 64 6.06 -12.10 -13.64
N LEU A 65 5.09 -12.35 -14.50
CA LEU A 65 3.68 -12.16 -14.22
C LEU A 65 3.02 -13.52 -14.19
N GLY A 66 2.18 -13.75 -13.20
CA GLY A 66 1.52 -15.05 -13.06
C GLY A 66 0.07 -14.88 -12.74
N LYS A 67 -0.71 -15.95 -12.96
CA LYS A 67 -2.08 -15.97 -12.52
C LYS A 67 -2.52 -17.38 -12.25
N ARG A 68 -3.49 -17.48 -11.35
CA ARG A 68 -4.21 -18.73 -11.09
C ARG A 68 -5.68 -18.48 -11.02
N LYS A 69 -6.47 -19.53 -11.23
CA LYS A 69 -7.83 -19.56 -10.79
C LYS A 69 -7.85 -19.64 -9.25
N LEU A 70 -8.70 -18.85 -8.63
CA LEU A 70 -8.91 -18.99 -7.19
C LEU A 70 -9.36 -20.42 -6.87
N ASN A 71 -8.97 -20.90 -5.70
CA ASN A 71 -9.33 -22.24 -5.22
C ASN A 71 -8.65 -23.35 -6.04
N SER A 72 -7.52 -22.99 -6.68
CA SER A 72 -6.64 -23.96 -7.32
CA SER A 72 -6.65 -23.92 -7.39
C SER A 72 -5.21 -23.61 -6.98
N LYS A 73 -4.30 -24.53 -7.22
CA LYS A 73 -2.86 -24.31 -6.95
C LYS A 73 -1.97 -24.27 -8.20
N GLN A 74 -2.55 -24.25 -9.41
CA GLN A 74 -1.81 -24.19 -10.65
C GLN A 74 -1.63 -22.75 -11.11
N TRP A 75 -0.38 -22.31 -11.15
CA TRP A 75 -0.08 -20.98 -11.66
C TRP A 75 0.38 -21.07 -13.10
N THR A 76 -0.15 -20.17 -13.93
CA THR A 76 0.43 -19.91 -15.24
C THR A 76 1.44 -18.78 -15.02
N LEU A 77 2.69 -19.02 -15.32
CA LEU A 77 3.77 -18.09 -15.03
C LEU A 77 4.42 -17.67 -16.34
N HIS A 78 4.50 -16.36 -16.58
CA HIS A 78 5.01 -15.80 -17.83
C HIS A 78 6.20 -14.93 -17.50
N ARG A 79 7.38 -15.35 -17.93
CA ARG A 79 8.56 -14.53 -17.82
C ARG A 79 8.49 -13.47 -18.92
N THR A 80 8.54 -12.22 -18.51
CA THR A 80 8.37 -11.12 -19.46
C THR A 80 9.70 -10.81 -20.10
N GLN A 81 9.66 -9.83 -21.01
CA GLN A 81 10.83 -9.30 -21.66
C GLN A 81 11.66 -8.32 -20.84
N TYR A 82 11.27 -8.05 -19.57
CA TYR A 82 11.89 -7.01 -18.76
C TYR A 82 12.71 -7.62 -17.65
N ARG A 83 13.90 -7.08 -17.43
CA ARG A 83 14.84 -7.63 -16.44
C ARG A 83 15.29 -6.58 -15.41
N GLY A 84 15.31 -6.97 -14.14
CA GLY A 84 15.75 -6.11 -13.03
C GLY A 84 17.22 -6.23 -12.69
N HIS A 90 15.29 -0.06 -5.70
CA HIS A 90 15.01 -0.81 -6.92
C HIS A 90 14.09 -2.01 -6.70
N ASN A 91 13.69 -2.62 -7.81
CA ASN A 91 12.95 -3.86 -7.80
C ASN A 91 11.55 -3.74 -7.16
N ILE A 92 10.88 -2.60 -7.37
CA ILE A 92 9.46 -2.42 -6.99
C ILE A 92 8.56 -2.67 -8.21
N ILE A 93 7.51 -3.48 -8.02
CA ILE A 93 6.53 -3.76 -9.06
C ILE A 93 5.11 -3.54 -8.51
N SER A 94 4.29 -2.79 -9.26
CA SER A 94 2.85 -2.60 -8.97
CA SER A 94 2.88 -2.65 -8.95
C SER A 94 2.05 -3.04 -10.17
N ILE A 95 1.00 -3.82 -9.90
CA ILE A 95 0.07 -4.28 -10.91
C ILE A 95 -1.36 -4.00 -10.49
N MET A 96 -2.24 -3.87 -11.49
CA MET A 96 -3.67 -3.74 -11.27
C MET A 96 -4.41 -4.10 -12.55
N VAL A 97 -5.61 -4.63 -12.39
CA VAL A 97 -6.43 -4.98 -13.53
C VAL A 97 -7.56 -3.97 -13.64
N ASP A 98 -7.80 -3.47 -14.85
CA ASP A 98 -8.89 -2.51 -15.09
C ASP A 98 -10.25 -3.21 -15.30
N GLY A 99 -11.29 -2.42 -15.53
CA GLY A 99 -12.63 -2.97 -15.69
C GLY A 99 -12.83 -3.81 -16.93
N GLU A 100 -11.94 -3.67 -17.91
CA GLU A 100 -11.95 -4.50 -19.13
C GLU A 100 -11.10 -5.78 -19.00
N GLY A 101 -10.43 -6.00 -17.86
CA GLY A 101 -9.55 -7.14 -17.67
C GLY A 101 -8.12 -6.99 -18.13
N TYR A 102 -7.71 -5.79 -18.53
CA TYR A 102 -6.31 -5.57 -18.89
C TYR A 102 -5.46 -5.40 -17.66
N LEU A 103 -4.27 -5.98 -17.69
CA LEU A 103 -3.32 -5.85 -16.61
C LEU A 103 -2.42 -4.67 -16.91
N HIS A 104 -2.34 -3.75 -15.96
CA HIS A 104 -1.44 -2.62 -16.04
C HIS A 104 -0.29 -2.87 -15.09
N VAL A 105 0.94 -2.60 -15.53
CA VAL A 105 2.12 -2.96 -14.80
C VAL A 105 3.07 -1.78 -14.83
N SER A 106 3.64 -1.45 -13.68
CA SER A 106 4.70 -0.45 -13.57
C SER A 106 5.78 -0.95 -12.63
N PHE A 107 7.03 -0.67 -12.97
CA PHE A 107 8.15 -1.14 -12.20
C PHE A 107 9.22 -0.06 -12.11
N ASP A 108 9.90 -0.06 -10.98
CA ASP A 108 10.88 0.96 -10.61
C ASP A 108 12.17 0.19 -10.39
N HIS A 109 13.13 0.42 -11.28
CA HIS A 109 14.49 -0.14 -11.17
C HIS A 109 15.49 0.97 -10.77
N HIS A 110 15.76 1.90 -11.70
CA HIS A 110 16.74 2.98 -11.48
C HIS A 110 16.17 4.21 -10.76
N GLY A 111 14.84 4.35 -10.76
CA GLY A 111 14.21 5.56 -10.29
C GLY A 111 14.29 6.70 -11.29
N HIS A 112 14.38 6.37 -12.59
CA HIS A 112 14.41 7.39 -13.61
C HIS A 112 13.14 7.30 -14.42
N LYS A 113 13.21 7.00 -15.71
CA LYS A 113 12.04 7.12 -16.57
C LYS A 113 10.93 6.16 -16.10
N LEU A 114 9.69 6.61 -16.23
CA LEU A 114 8.53 5.76 -16.03
C LEU A 114 8.66 4.48 -16.82
N ASN A 115 8.42 3.34 -16.16
CA ASN A 115 8.31 2.05 -16.83
C ASN A 115 6.87 1.57 -16.65
N TYR A 116 6.10 1.59 -17.73
CA TYR A 116 4.66 1.30 -17.69
C TYR A 116 4.29 0.50 -18.91
N CYS A 117 3.63 -0.62 -18.68
CA CYS A 117 3.15 -1.54 -19.74
CA CYS A 117 3.04 -1.34 -19.82
C CYS A 117 1.72 -1.97 -19.45
N ARG A 118 1.04 -2.43 -20.47
CA ARG A 118 -0.29 -2.99 -20.36
CA ARG A 118 -0.28 -3.00 -20.35
C ARG A 118 -0.29 -4.35 -21.06
N SER A 119 -1.08 -5.27 -20.55
CA SER A 119 -1.22 -6.54 -21.24
C SER A 119 -1.80 -6.33 -22.64
N ILE A 120 -1.46 -7.26 -23.55
CA ILE A 120 -1.89 -7.13 -24.94
C ILE A 120 -3.39 -7.30 -25.13
N ALA A 121 -4.03 -8.01 -24.19
CA ALA A 121 -5.44 -8.31 -24.25
C ALA A 121 -5.99 -8.53 -22.85
N PRO A 122 -7.32 -8.49 -22.69
CA PRO A 122 -7.92 -8.88 -21.41
C PRO A 122 -7.49 -10.27 -20.97
N GLY A 123 -7.01 -10.39 -19.74
CA GLY A 123 -6.62 -11.68 -19.18
C GLY A 123 -5.22 -12.16 -19.52
N SER A 124 -4.54 -11.47 -20.43
CA SER A 124 -3.23 -11.89 -20.85
C SER A 124 -2.13 -11.47 -19.88
N LEU A 125 -1.10 -12.29 -19.78
CA LEU A 125 0.12 -12.02 -19.03
C LEU A 125 1.20 -11.44 -19.91
N GLU A 126 0.96 -11.40 -21.23
CA GLU A 126 1.94 -10.88 -22.16
CA GLU A 126 1.95 -10.87 -22.17
C GLU A 126 1.83 -9.34 -22.19
N LEU A 127 2.96 -8.68 -22.08
CA LEU A 127 3.04 -7.22 -22.04
C LEU A 127 3.49 -6.65 -23.36
N GLY A 128 2.96 -5.47 -23.67
CA GLY A 128 3.42 -4.70 -24.81
C GLY A 128 4.67 -3.95 -24.44
N ASP A 129 5.13 -3.11 -25.35
CA ASP A 129 6.26 -2.22 -25.12
C ASP A 129 5.93 -1.19 -24.04
N LYS A 130 6.97 -0.62 -23.44
CA LYS A 130 6.82 0.47 -22.49
C LYS A 130 6.12 1.62 -23.16
N MET A 131 5.29 2.34 -22.42
CA MET A 131 4.61 3.48 -22.99
C MET A 131 4.44 4.61 -21.98
N PRO A 132 4.18 5.84 -22.45
CA PRO A 132 3.93 6.90 -21.50
CA PRO A 132 3.94 6.90 -21.47
C PRO A 132 2.54 6.80 -20.89
N MET A 133 2.28 7.58 -19.86
CA MET A 133 0.93 7.76 -19.40
C MET A 133 0.42 9.09 -19.97
N THR A 134 0.89 10.20 -19.39
CA THR A 134 0.53 11.55 -19.87
C THR A 134 1.65 12.16 -20.70
N GLY A 135 2.86 11.61 -20.64
CA GLY A 135 4.02 12.19 -21.28
C GLY A 135 4.58 13.43 -20.61
N VAL A 136 4.17 13.72 -19.38
CA VAL A 136 4.61 14.92 -18.66
C VAL A 136 5.11 14.46 -17.29
N ASP A 137 6.27 14.94 -16.88
CA ASP A 137 6.82 14.62 -15.56
C ASP A 137 6.98 13.12 -15.37
N GLU A 138 7.52 12.45 -16.39
CA GLU A 138 7.71 10.98 -16.37
C GLU A 138 9.18 10.59 -16.45
N GLY A 139 10.06 11.51 -16.14
CA GLY A 139 11.49 11.24 -16.15
C GLY A 139 12.18 10.81 -14.89
N ASN A 140 11.53 10.97 -13.72
CA ASN A 140 12.13 10.63 -12.45
CA ASN A 140 12.12 10.71 -12.41
C ASN A 140 11.07 10.04 -11.54
N VAL A 141 10.79 8.78 -11.82
CA VAL A 141 9.68 8.06 -11.18
C VAL A 141 10.16 6.98 -10.23
N THR A 142 9.70 7.03 -8.98
CA THR A 142 9.87 5.92 -8.05
C THR A 142 8.55 5.58 -7.38
N TYR A 143 8.50 4.42 -6.76
CA TYR A 143 7.34 3.99 -5.96
C TYR A 143 6.01 4.11 -6.69
N PRO A 144 5.91 3.46 -7.86
CA PRO A 144 4.62 3.40 -8.56
C PRO A 144 3.56 2.61 -7.78
N GLU A 145 2.31 3.08 -7.84
CA GLU A 145 1.22 2.40 -7.13
C GLU A 145 -0.05 2.54 -7.93
N PHE A 146 -0.72 1.45 -8.30
CA PHE A 146 -2.07 1.50 -8.88
C PHE A 146 -3.16 1.25 -7.82
N TYR A 147 -4.34 1.82 -8.10
CA TYR A 147 -5.54 1.57 -7.30
C TYR A 147 -6.70 1.48 -8.25
N PRO A 148 -7.70 0.65 -7.96
CA PRO A 148 -8.90 0.63 -8.80
C PRO A 148 -9.89 1.68 -8.36
N LEU A 149 -10.59 2.31 -9.31
CA LEU A 149 -11.64 3.29 -9.03
C LEU A 149 -12.98 2.71 -9.45
N THR A 150 -14.06 3.44 -9.16
N THR A 150 -14.05 3.44 -9.14
CA THR A 150 -15.38 3.00 -9.59
CA THR A 150 -15.40 3.04 -9.54
C THR A 150 -15.47 2.83 -11.09
C THR A 150 -15.51 2.88 -11.06
N ASP A 151 -16.27 1.86 -11.47
CA ASP A 151 -16.61 1.60 -12.87
C ASP A 151 -15.44 1.24 -13.77
N GLY A 152 -14.38 0.70 -13.17
CA GLY A 152 -13.31 0.09 -13.95
C GLY A 152 -12.14 0.97 -14.31
N ASP A 153 -12.21 2.24 -13.89
CA ASP A 153 -11.10 3.16 -14.06
C ASP A 153 -9.98 2.78 -13.12
N LEU A 154 -8.77 3.32 -13.37
CA LEU A 154 -7.60 3.16 -12.44
C LEU A 154 -7.07 4.51 -11.96
N LEU A 155 -6.52 4.51 -10.77
CA LEU A 155 -5.71 5.61 -10.26
C LEU A 155 -4.27 5.15 -10.29
N PHE A 156 -3.33 6.08 -10.54
CA PHE A 156 -1.88 5.81 -10.45
C PHE A 156 -1.28 6.91 -9.62
N VAL A 157 -0.49 6.55 -8.65
CA VAL A 157 0.25 7.49 -7.82
C VAL A 157 1.70 7.14 -7.88
N TYR A 158 2.59 8.14 -8.02
CA TYR A 158 4.02 7.86 -7.94
C TYR A 158 4.73 8.99 -7.24
N ARG A 159 5.96 8.72 -6.83
CA ARG A 159 6.85 9.73 -6.26
CA ARG A 159 6.84 9.73 -6.25
C ARG A 159 7.68 10.30 -7.40
N SER A 160 7.40 11.54 -7.79
CA SER A 160 8.21 12.22 -8.80
C SER A 160 9.36 12.96 -8.18
N GLY A 161 10.51 12.81 -8.80
CA GLY A 161 11.74 13.49 -8.37
C GLY A 161 12.13 14.63 -9.28
N SER A 162 11.25 15.05 -10.19
CA SER A 162 11.67 16.03 -11.19
C SER A 162 11.88 17.43 -10.59
N SER A 163 11.43 17.69 -9.37
CA SER A 163 11.71 18.97 -8.73
C SER A 163 13.03 18.97 -7.99
N GLY A 164 13.61 17.80 -7.80
CA GLY A 164 14.76 17.58 -6.90
C GLY A 164 14.41 16.94 -5.56
N ARG A 165 13.11 16.89 -5.23
CA ARG A 165 12.59 16.28 -4.01
C ARG A 165 11.36 15.50 -4.41
N GLY A 166 11.06 14.47 -3.66
CA GLY A 166 9.90 13.61 -3.95
C GLY A 166 8.59 14.33 -3.77
N ASN A 167 7.71 14.14 -4.73
CA ASN A 167 6.41 14.79 -4.76
C ASN A 167 5.36 13.78 -5.27
N LEU A 168 4.20 13.76 -4.62
CA LEU A 168 3.12 12.85 -5.01
C LEU A 168 2.47 13.38 -6.30
N VAL A 169 2.49 12.56 -7.35
CA VAL A 169 1.82 12.88 -8.61
C VAL A 169 0.73 11.80 -8.81
N MET A 170 -0.45 12.23 -9.27
CA MET A 170 -1.62 11.34 -9.33
C MET A 170 -2.28 11.44 -10.68
N ASN A 171 -2.49 10.29 -11.33
CA ASN A 171 -3.11 10.20 -12.63
C ASN A 171 -4.34 9.28 -12.53
N ARG A 172 -5.25 9.43 -13.51
CA ARG A 172 -6.42 8.56 -13.65
C ARG A 172 -6.46 7.98 -15.07
N TYR A 173 -6.75 6.70 -15.16
CA TYR A 173 -7.02 6.00 -16.44
C TYR A 173 -8.54 5.88 -16.60
N SER A 174 -9.06 6.56 -17.64
CA SER A 174 -10.47 6.49 -17.96
C SER A 174 -10.72 5.36 -18.94
N LEU A 175 -11.57 4.44 -18.51
CA LEU A 175 -11.83 3.26 -19.28
C LEU A 175 -12.61 3.64 -20.53
N LYS A 176 -13.45 4.67 -20.47
CA LYS A 176 -14.28 5.05 -21.64
C LYS A 176 -13.48 5.66 -22.80
N ASP A 177 -12.46 6.47 -22.53
CA ASP A 177 -11.57 6.97 -23.60
C ASP A 177 -10.19 6.31 -23.66
N HIS A 178 -9.92 5.34 -22.78
CA HIS A 178 -8.69 4.54 -22.80
C HIS A 178 -7.39 5.34 -22.77
N LYS A 179 -7.42 6.42 -22.00
CA LYS A 179 -6.24 7.25 -21.82
C LYS A 179 -6.06 7.64 -20.36
N TRP A 180 -4.82 8.01 -20.08
CA TRP A 180 -4.41 8.57 -18.79
C TRP A 180 -4.47 10.10 -18.81
N ALA A 181 -4.92 10.66 -17.70
CA ALA A 181 -4.89 12.11 -17.49
C ALA A 181 -4.33 12.43 -16.14
N ARG A 182 -3.69 13.59 -16.03
CA ARG A 182 -3.20 14.07 -14.75
CA ARG A 182 -3.21 14.07 -14.75
C ARG A 182 -4.38 14.50 -13.87
N VAL A 183 -4.40 14.06 -12.63
CA VAL A 183 -5.39 14.50 -11.65
C VAL A 183 -4.83 15.58 -10.72
N GLN A 184 -3.66 15.35 -10.16
CA GLN A 184 -3.01 16.38 -9.36
C GLN A 184 -1.52 16.36 -9.61
N ASP A 185 -0.97 17.56 -9.80
CA ASP A 185 0.46 17.76 -9.88
C ASP A 185 1.08 18.06 -8.54
N VAL A 186 0.37 18.74 -7.67
CA VAL A 186 0.82 19.03 -6.34
C VAL A 186 -0.38 18.86 -5.42
N LEU A 187 -0.29 17.83 -4.61
CA LEU A 187 -1.35 17.46 -3.65
C LEU A 187 -0.85 17.68 -2.23
N ILE A 188 0.30 17.10 -1.89
CA ILE A 188 0.95 17.32 -0.60
C ILE A 188 2.19 18.18 -0.90
N ASP A 189 2.27 19.33 -0.24
CA ASP A 189 3.34 20.33 -0.49
C ASP A 189 4.17 20.50 0.77
N GLY A 190 5.42 20.06 0.71
N GLY A 190 5.42 20.05 0.71
CA GLY A 190 6.35 20.20 1.82
CA GLY A 190 6.36 20.20 1.81
C GLY A 190 7.10 21.51 1.80
C GLY A 190 6.92 21.60 1.92
N GLU A 191 6.75 22.39 0.85
CA GLU A 191 7.21 23.77 0.81
C GLU A 191 8.75 23.76 0.66
N ASP A 192 9.49 24.47 1.49
CA ASP A 192 10.96 24.36 1.43
C ASP A 192 11.49 23.26 2.35
N LYS A 193 10.69 22.85 3.32
CA LYS A 193 11.21 22.35 4.56
C LYS A 193 11.06 20.84 4.81
N ARG A 194 10.39 20.10 3.92
CA ARG A 194 9.73 18.85 4.32
C ARG A 194 9.52 17.86 3.17
N ASN A 195 9.70 16.56 3.42
CA ASN A 195 9.19 15.51 2.53
C ASN A 195 7.97 14.85 3.18
N ALA A 196 7.13 14.23 2.37
CA ALA A 196 5.99 13.47 2.85
C ALA A 196 6.15 12.03 2.40
N TYR A 197 5.70 11.10 3.24
CA TYR A 197 5.62 9.68 2.88
C TYR A 197 4.17 9.24 3.10
N TRP A 198 3.56 8.77 2.03
CA TRP A 198 2.11 8.57 1.96
C TRP A 198 1.74 7.13 1.73
N GLN A 199 0.46 6.84 2.01
CA GLN A 199 -0.20 5.60 1.66
C GLN A 199 -1.64 5.93 1.31
N LEU A 200 -2.24 5.13 0.45
CA LEU A 200 -3.62 5.36 -0.03
C LEU A 200 -4.43 4.08 -0.04
N TYR A 201 -5.74 4.27 -0.07
CA TYR A 201 -6.69 3.16 -0.20
C TYR A 201 -7.94 3.64 -0.85
N VAL A 202 -8.44 2.90 -1.83
CA VAL A 202 -9.74 3.21 -2.43
C VAL A 202 -10.76 2.27 -1.80
N ASP A 203 -11.76 2.83 -1.14
CA ASP A 203 -12.74 2.04 -0.42
C ASP A 203 -13.81 1.45 -1.33
N GLU A 204 -14.72 0.70 -0.71
CA GLU A 204 -15.73 -0.04 -1.44
C GLU A 204 -16.80 0.89 -2.04
N LYS A 205 -16.81 2.17 -1.66
CA LYS A 205 -17.66 3.18 -2.28
C LYS A 205 -16.93 4.03 -3.32
N GLY A 206 -15.65 3.75 -3.54
CA GLY A 206 -14.86 4.47 -4.54
C GLY A 206 -14.22 5.76 -4.05
N THR A 207 -14.24 5.97 -2.74
CA THR A 207 -13.57 7.12 -2.13
C THR A 207 -12.10 6.82 -2.02
N ILE A 208 -11.28 7.81 -2.35
CA ILE A 208 -9.83 7.71 -2.23
C ILE A 208 -9.42 8.25 -0.87
N HIS A 209 -8.79 7.42 -0.05
CA HIS A 209 -8.25 7.82 1.24
C HIS A 209 -6.75 7.98 1.13
N LEU A 210 -6.23 9.00 1.83
CA LEU A 210 -4.81 9.35 1.79
C LEU A 210 -4.34 9.64 3.20
N SER A 211 -3.23 9.06 3.60
CA SER A 211 -2.57 9.47 4.83
C SER A 211 -1.08 9.52 4.63
N TRP A 212 -0.41 10.28 5.50
CA TRP A 212 1.02 10.48 5.35
C TRP A 212 1.64 10.93 6.64
N VAL A 213 2.97 10.75 6.70
CA VAL A 213 3.83 11.35 7.72
C VAL A 213 4.71 12.40 7.04
N TRP A 214 5.16 13.36 7.83
CA TRP A 214 6.19 14.34 7.40
C TRP A 214 7.59 13.88 7.79
N ARG A 215 8.58 14.27 7.00
CA ARG A 215 10.00 14.04 7.38
CA ARG A 215 10.01 13.99 7.28
C ARG A 215 10.80 15.29 7.07
N GLU A 216 11.51 15.80 8.11
CA GLU A 216 12.23 17.09 7.97
C GLU A 216 13.57 16.99 7.23
N THR A 217 14.33 15.95 7.52
CA THR A 217 15.68 15.81 6.98
C THR A 217 15.90 14.41 6.44
N TRP A 218 17.10 14.09 5.98
CA TRP A 218 17.42 12.74 5.56
C TRP A 218 17.32 11.67 6.65
N GLN A 219 17.31 12.09 7.91
CA GLN A 219 17.31 11.16 9.03
C GLN A 219 15.89 10.73 9.42
N VAL A 220 15.75 9.42 9.56
CA VAL A 220 14.43 8.80 9.87
C VAL A 220 13.81 9.29 11.17
N GLU A 221 14.66 9.63 12.14
CA GLU A 221 14.18 10.20 13.41
C GLU A 221 13.41 11.51 13.26
N THR A 222 13.54 12.19 12.11
CA THR A 222 12.81 13.41 11.87
C THR A 222 11.43 13.18 11.23
N ASN A 223 10.99 11.92 11.12
CA ASN A 223 9.56 11.66 10.87
C ASN A 223 8.69 12.22 11.96
N HIS A 224 7.55 12.79 11.59
CA HIS A 224 6.58 13.25 12.57
C HIS A 224 5.19 13.32 12.00
N ASP A 225 4.22 13.06 12.88
CA ASP A 225 2.79 13.27 12.64
C ASP A 225 2.14 12.30 11.66
N LEU A 226 0.83 12.23 11.74
CA LEU A 226 0.01 11.43 10.83
C LEU A 226 -1.15 12.28 10.35
N CYS A 227 -1.21 12.51 9.04
CA CYS A 227 -2.15 13.40 8.41
C CYS A 227 -3.08 12.66 7.48
N TYR A 228 -4.20 13.28 7.12
CA TYR A 228 -5.29 12.58 6.40
C TYR A 228 -6.01 13.48 5.43
N ALA A 229 -6.44 12.90 4.30
CA ALA A 229 -7.33 13.55 3.37
C ALA A 229 -8.13 12.48 2.62
N ARG A 230 -9.31 12.83 2.11
CA ARG A 230 -10.08 11.92 1.27
CA ARG A 230 -10.02 11.92 1.24
C ARG A 230 -10.70 12.64 0.10
N SER A 231 -10.97 11.91 -0.98
CA SER A 231 -11.63 12.46 -2.15
C SER A 231 -12.75 11.56 -2.60
N PHE A 232 -13.92 12.16 -2.79
CA PHE A 232 -15.11 11.45 -3.27
C PHE A 232 -15.28 11.52 -4.78
N ASP A 233 -14.50 12.36 -5.46
CA ASP A 233 -14.69 12.65 -6.88
C ASP A 233 -13.45 12.34 -7.69
N ASN A 234 -12.85 11.19 -7.41
CA ASN A 234 -11.71 10.67 -8.18
CA ASN A 234 -11.69 10.67 -8.14
C ASN A 234 -10.50 11.64 -8.17
N GLY A 235 -10.31 12.34 -7.06
CA GLY A 235 -9.11 13.15 -6.84
C GLY A 235 -9.18 14.59 -7.24
N VAL A 236 -10.31 15.05 -7.72
CA VAL A 236 -10.49 16.46 -8.11
C VAL A 236 -10.55 17.35 -6.88
N THR A 237 -11.30 16.94 -5.87
CA THR A 237 -11.57 17.70 -4.66
CA THR A 237 -11.50 17.72 -4.67
C THR A 237 -11.21 16.84 -3.44
N TRP A 238 -10.62 17.43 -2.41
CA TRP A 238 -10.17 16.75 -1.23
C TRP A 238 -10.79 17.36 0.03
N TYR A 239 -11.08 16.49 0.98
CA TYR A 239 -11.71 16.80 2.26
C TYR A 239 -10.98 16.27 3.45
N LYS A 240 -11.19 16.94 4.58
CA LYS A 240 -10.88 16.43 5.89
C LYS A 240 -12.00 15.51 6.37
N SER A 241 -11.73 14.70 7.39
CA SER A 241 -12.72 13.74 7.93
C SER A 241 -13.95 14.43 8.55
N ASP A 242 -13.82 15.69 8.90
CA ASP A 242 -14.92 16.49 9.49
C ASP A 242 -15.79 17.17 8.45
N GLY A 243 -15.56 16.93 7.17
CA GLY A 243 -16.33 17.53 6.11
C GLY A 243 -15.82 18.88 5.55
N GLU A 244 -14.73 19.42 6.11
CA GLU A 244 -14.13 20.65 5.62
C GLU A 244 -13.39 20.33 4.32
N GLN A 245 -13.61 21.13 3.30
CA GLN A 245 -12.95 21.01 2.01
C GLN A 245 -11.57 21.64 2.07
N TYR A 246 -10.58 20.96 1.54
CA TYR A 246 -9.25 21.55 1.40
C TYR A 246 -9.18 22.49 0.21
N LYS A 247 -8.37 23.55 0.36
CA LYS A 247 -7.84 24.31 -0.76
C LYS A 247 -6.43 23.79 -0.97
N LEU A 248 -6.20 23.22 -2.15
CA LEU A 248 -4.93 22.57 -2.44
C LEU A 248 -3.84 23.62 -2.73
N PRO A 249 -2.57 23.30 -2.47
CA PRO A 249 -2.08 22.03 -1.94
C PRO A 249 -2.16 21.93 -0.44
N ILE A 250 -1.98 20.70 0.06
CA ILE A 250 -2.04 20.45 1.48
C ILE A 250 -0.62 20.56 2.02
N THR A 251 -0.45 21.50 2.96
CA THR A 251 0.83 21.74 3.61
C THR A 251 0.74 21.35 5.07
N ALA A 252 1.85 21.46 5.77
CA ALA A 252 1.84 21.21 7.19
C ALA A 252 0.91 22.15 7.98
N SER A 253 0.69 23.35 7.47
CA SER A 253 -0.22 24.30 8.13
CA SER A 253 -0.21 24.29 8.16
C SER A 253 -1.69 23.94 8.01
N ASN A 254 -2.14 23.53 6.82
CA ASN A 254 -3.58 23.31 6.60
C ASN A 254 -4.01 21.83 6.69
N ALA A 255 -3.05 20.92 6.84
CA ALA A 255 -3.38 19.47 6.92
C ALA A 255 -4.22 19.12 8.12
N GLU A 256 -5.09 18.12 7.96
CA GLU A 256 -5.75 17.47 9.06
C GLU A 256 -4.75 16.55 9.74
N TYR A 257 -4.59 16.67 11.05
CA TYR A 257 -3.75 15.81 11.82
C TYR A 257 -4.60 14.72 12.46
N ALA A 258 -4.49 13.50 11.95
CA ALA A 258 -5.09 12.34 12.60
C ALA A 258 -4.44 12.05 13.94
N CYS A 259 -3.13 12.23 14.03
CA CYS A 259 -2.42 12.08 15.29
CA CYS A 259 -2.35 12.07 15.27
C CYS A 259 -1.19 13.00 15.27
N ARG A 260 -0.97 13.71 16.38
CA ARG A 260 0.25 14.47 16.58
CA ARG A 260 0.25 14.47 16.55
C ARG A 260 1.28 13.54 17.19
N ILE A 261 2.41 13.34 16.50
CA ILE A 261 3.45 12.45 16.95
C ILE A 261 4.77 13.17 16.68
N PRO A 262 5.53 13.50 17.75
CA PRO A 262 6.71 14.30 17.50
C PRO A 262 7.85 13.52 16.88
N GLN A 263 8.86 14.25 16.43
CA GLN A 263 10.11 13.64 16.01
C GLN A 263 10.73 12.83 17.17
N ASN A 264 11.62 11.90 16.83
CA ASN A 264 12.30 11.05 17.76
C ASN A 264 11.34 10.14 18.51
N SER A 265 10.23 9.78 17.86
CA SER A 265 9.25 8.84 18.42
C SER A 265 9.31 7.44 17.80
N GLU A 266 10.34 7.16 17.00
CA GLU A 266 10.44 5.88 16.30
C GLU A 266 9.22 5.66 15.40
N LEU A 267 8.65 6.75 14.89
CA LEU A 267 7.56 6.71 13.92
C LEU A 267 8.15 6.30 12.57
N ILE A 268 7.57 5.27 11.99
CA ILE A 268 8.01 4.78 10.68
C ILE A 268 7.27 5.51 9.57
N ASN A 269 7.89 5.55 8.39
CA ASN A 269 7.27 6.12 7.18
C ASN A 269 6.87 5.03 6.20
N GLN A 270 5.83 5.31 5.40
CA GLN A 270 5.36 4.43 4.29
C GLN A 270 4.81 3.14 4.85
N THR A 271 3.59 3.19 5.36
CA THR A 271 2.90 2.00 5.88
C THR A 271 1.67 1.78 5.01
N SER A 272 0.51 1.62 5.63
CA SER A 272 -0.73 1.31 4.87
C SER A 272 -1.94 1.76 5.63
N MET A 273 -3.07 1.82 4.90
CA MET A 273 -4.30 2.20 5.44
C MET A 273 -5.42 1.47 4.75
N SER A 274 -6.58 1.49 5.41
CA SER A 274 -7.77 0.82 4.89
C SER A 274 -9.00 1.60 5.26
N ALA A 275 -10.16 1.05 4.92
CA ALA A 275 -11.42 1.66 5.29
C ALA A 275 -12.45 0.56 5.39
N ASP A 276 -13.47 0.81 6.22
CA ASP A 276 -14.60 -0.11 6.26
C ASP A 276 -15.61 0.26 5.18
N ALA A 277 -16.69 -0.53 5.12
CA ALA A 277 -17.76 -0.31 4.16
C ALA A 277 -18.51 1.00 4.35
N GLY A 278 -18.47 1.53 5.57
CA GLY A 278 -19.03 2.85 5.90
C GLY A 278 -18.15 4.03 5.53
N GLY A 279 -16.96 3.77 4.96
CA GLY A 279 -16.01 4.83 4.58
C GLY A 279 -15.18 5.42 5.72
N ASN A 280 -15.18 4.78 6.88
CA ASN A 280 -14.35 5.20 7.99
C ASN A 280 -12.93 4.74 7.75
N PRO A 281 -11.94 5.64 7.89
CA PRO A 281 -10.56 5.25 7.63
C PRO A 281 -9.83 4.65 8.82
N TYR A 282 -8.91 3.74 8.53
CA TYR A 282 -8.06 3.07 9.51
C TYR A 282 -6.64 3.10 9.02
N ILE A 283 -5.69 3.49 9.87
CA ILE A 283 -4.32 3.57 9.52
C ILE A 283 -3.50 2.72 10.47
N ALA A 284 -2.62 1.89 9.92
CA ALA A 284 -1.72 1.06 10.69
C ALA A 284 -0.29 1.54 10.61
N THR A 285 0.35 1.74 11.77
CA THR A 285 1.74 2.14 11.84
C THR A 285 2.27 1.77 13.24
N TYR A 286 3.44 2.29 13.59
CA TYR A 286 3.99 2.06 14.92
C TYR A 286 4.77 3.29 15.34
N TRP A 287 4.85 3.50 16.66
CA TRP A 287 5.68 4.53 17.27
C TRP A 287 5.76 4.26 18.77
N ARG A 288 6.64 5.02 19.42
CA ARG A 288 6.93 4.91 20.85
C ARG A 288 6.31 6.11 21.57
N SER A 289 5.57 5.83 22.64
CA SER A 289 4.98 6.85 23.52
C SER A 289 6.07 7.56 24.32
N SER A 290 5.82 8.80 24.72
CA SER A 290 6.85 9.64 25.38
C SER A 290 7.52 8.98 26.60
N ASP A 291 6.72 8.29 27.40
CA ASP A 291 7.20 7.65 28.64
C ASP A 291 7.83 6.25 28.52
N SER A 292 7.85 5.66 27.32
CA SER A 292 8.30 4.27 27.13
C SER A 292 9.57 4.23 26.30
N GLU A 293 10.34 3.16 26.47
CA GLU A 293 11.50 2.86 25.63
C GLU A 293 11.08 1.92 24.47
N VAL A 294 9.84 1.42 24.50
CA VAL A 294 9.40 0.34 23.61
C VAL A 294 8.39 0.81 22.55
N PRO A 295 8.82 0.82 21.27
CA PRO A 295 7.84 1.15 20.25
C PRO A 295 6.76 0.07 20.18
N GLN A 296 5.55 0.49 19.86
CA GLN A 296 4.40 -0.42 19.76
C GLN A 296 3.63 -0.21 18.48
N TYR A 297 3.07 -1.28 17.94
CA TYR A 297 2.13 -1.18 16.84
C TYR A 297 0.88 -0.48 17.24
N ARG A 298 0.31 0.30 16.33
CA ARG A 298 -0.83 1.14 16.60
C ARG A 298 -1.86 1.02 15.50
N ILE A 299 -3.11 1.29 15.85
CA ILE A 299 -4.19 1.50 14.90
CA ILE A 299 -4.17 1.53 14.89
C ILE A 299 -4.74 2.90 15.18
N VAL A 300 -4.92 3.68 14.12
CA VAL A 300 -5.46 5.03 14.19
C VAL A 300 -6.69 5.05 13.29
N TRP A 301 -7.83 5.43 13.81
CA TRP A 301 -9.03 5.42 13.03
C TRP A 301 -9.95 6.56 13.38
N ASN A 302 -10.83 6.87 12.44
CA ASN A 302 -11.82 7.94 12.62
C ASN A 302 -13.19 7.29 12.48
N ASP A 303 -14.07 7.56 13.45
CA ASP A 303 -15.39 6.91 13.50
C ASP A 303 -16.51 7.77 12.94
N GLY A 304 -16.16 8.89 12.32
CA GLY A 304 -17.14 9.86 11.82
C GLY A 304 -17.16 11.12 12.67
N LYS A 305 -16.71 11.01 13.93
CA LYS A 305 -16.69 12.14 14.85
C LYS A 305 -15.29 12.53 15.31
N THR A 306 -14.45 11.56 15.68
CA THR A 306 -13.12 11.85 16.18
C THR A 306 -12.13 10.76 15.81
N TRP A 307 -10.87 11.14 15.88
CA TRP A 307 -9.76 10.22 15.78
C TRP A 307 -9.49 9.52 17.11
N HIS A 308 -9.21 8.23 17.00
CA HIS A 308 -8.79 7.40 18.11
C HIS A 308 -7.49 6.73 17.75
N ASN A 309 -6.69 6.44 18.75
CA ASN A 309 -5.58 5.53 18.55
C ASN A 309 -5.48 4.52 19.67
N ARG A 310 -5.01 3.35 19.28
CA ARG A 310 -4.96 2.23 20.17
C ARG A 310 -3.71 1.41 19.91
N GLN A 311 -3.08 0.96 21.00
CA GLN A 311 -1.96 0.07 20.93
C GLN A 311 -2.44 -1.36 20.58
N VAL A 312 -1.69 -2.06 19.75
CA VAL A 312 -2.17 -3.32 19.18
C VAL A 312 -1.52 -4.52 19.83
N THR A 313 -0.22 -4.49 20.06
CA THR A 313 0.40 -5.58 20.79
C THR A 313 1.09 -5.04 22.07
N ASP A 314 1.76 -5.93 22.78
CA ASP A 314 2.37 -5.64 24.08
C ASP A 314 3.81 -6.09 24.00
N ARG A 315 4.59 -5.29 23.27
CA ARG A 315 6.01 -5.58 23.05
C ARG A 315 6.77 -5.19 24.31
N LYS A 316 7.92 -5.82 24.54
CA LYS A 316 8.81 -5.46 25.64
C LYS A 316 10.24 -5.10 25.24
N THR A 317 10.58 -5.21 23.95
CA THR A 317 11.95 -5.10 23.49
C THR A 317 12.08 -3.74 22.82
N PRO A 318 12.91 -2.85 23.37
CA PRO A 318 13.17 -1.62 22.66
C PRO A 318 13.88 -1.82 21.31
N PHE A 319 13.68 -0.86 20.43
CA PHE A 319 14.53 -0.69 19.28
C PHE A 319 14.50 0.79 18.94
N THR A 320 15.46 1.20 18.11
CA THR A 320 15.49 2.57 17.59
C THR A 320 15.70 2.53 16.07
N LEU A 321 15.10 3.49 15.37
CA LEU A 321 15.30 3.68 13.94
C LEU A 321 16.60 4.47 13.68
N LYS A 322 16.91 5.42 14.55
CA LYS A 322 18.19 6.15 14.49
C LYS A 322 19.37 5.19 14.62
N MET A 328 18.39 -3.20 9.49
CA MET A 328 17.50 -4.32 9.78
C MET A 328 16.55 -4.00 10.95
N ILE A 329 15.38 -3.42 10.65
CA ILE A 329 14.43 -3.03 11.72
C ILE A 329 13.72 -4.30 12.24
N PRO A 330 13.67 -4.50 13.58
CA PRO A 330 13.16 -5.78 14.13
C PRO A 330 11.65 -6.05 13.98
N VAL A 331 10.87 -5.06 13.56
CA VAL A 331 9.44 -5.21 13.25
C VAL A 331 9.15 -4.70 11.84
N ALA A 332 8.09 -5.24 11.23
CA ALA A 332 7.68 -4.88 9.85
C ALA A 332 6.65 -3.75 9.82
N ARG A 333 6.55 -3.08 8.69
CA ARG A 333 5.44 -2.20 8.42
C ARG A 333 4.18 -3.05 8.31
N PRO A 334 3.10 -2.68 9.02
CA PRO A 334 1.88 -3.50 9.10
C PRO A 334 0.93 -3.37 7.93
N ARG A 335 0.05 -4.37 7.79
N ARG A 335 0.07 -4.38 7.75
CA ARG A 335 -1.06 -4.32 6.84
CA ARG A 335 -1.05 -4.34 6.81
C ARG A 335 -2.34 -4.61 7.61
C ARG A 335 -2.32 -4.61 7.60
N ILE A 336 -3.44 -4.04 7.16
CA ILE A 336 -4.74 -4.26 7.80
C ILE A 336 -5.85 -4.51 6.80
N VAL A 337 -6.78 -5.37 7.22
CA VAL A 337 -8.08 -5.45 6.59
C VAL A 337 -9.16 -5.34 7.68
N VAL A 338 -10.29 -4.80 7.29
CA VAL A 338 -11.35 -4.47 8.25
C VAL A 338 -12.70 -4.95 7.74
N GLU A 339 -13.54 -5.34 8.70
CA GLU A 339 -14.92 -5.68 8.43
C GLU A 339 -15.71 -4.98 9.53
N ASP A 340 -16.23 -3.79 9.22
CA ASP A 340 -17.13 -3.06 10.13
C ASP A 340 -16.60 -2.99 11.60
N GLY A 341 -15.36 -2.55 11.76
CA GLY A 341 -14.75 -2.42 13.09
C GLY A 341 -13.94 -3.60 13.58
N GLU A 342 -14.19 -4.79 13.02
CA GLU A 342 -13.34 -5.97 13.23
C GLU A 342 -12.06 -5.78 12.41
N ILE A 343 -10.92 -6.00 13.02
CA ILE A 343 -9.63 -5.73 12.38
C ILE A 343 -8.79 -6.98 12.36
N PHE A 344 -8.13 -7.25 11.22
CA PHE A 344 -7.08 -8.25 11.12
C PHE A 344 -5.84 -7.47 10.75
N TYR A 345 -4.86 -7.52 11.64
CA TYR A 345 -3.68 -6.63 11.62
C TYR A 345 -2.46 -7.52 11.47
N ILE A 346 -1.80 -7.44 10.31
CA ILE A 346 -0.74 -8.37 9.96
C ILE A 346 0.60 -7.72 10.14
N PHE A 347 1.52 -8.41 10.77
CA PHE A 347 2.82 -7.87 11.12
C PHE A 347 3.88 -8.95 11.22
N ARG A 348 5.10 -8.55 11.55
CA ARG A 348 6.20 -9.50 11.76
C ARG A 348 7.12 -8.86 12.78
N ASP A 349 7.58 -9.62 13.76
CA ASP A 349 8.29 -9.06 14.93
C ASP A 349 9.34 -10.06 15.40
N GLU A 350 10.57 -9.59 15.61
CA GLU A 350 11.63 -10.45 16.16
C GLU A 350 11.21 -11.07 17.50
N GLU A 351 10.37 -10.38 18.27
CA GLU A 351 9.89 -10.93 19.53
C GLU A 351 9.15 -12.25 19.34
N ARG A 352 8.42 -12.38 18.23
CA ARG A 352 7.65 -13.57 17.93
C ARG A 352 8.39 -14.51 16.99
N GLY A 353 9.70 -14.38 16.87
CA GLY A 353 10.51 -15.19 16.01
C GLY A 353 10.46 -14.84 14.54
N SER A 354 10.05 -13.60 14.25
CA SER A 354 9.93 -13.13 12.86
C SER A 354 8.97 -13.99 12.00
N ARG A 355 7.94 -14.50 12.66
CA ARG A 355 6.91 -15.27 11.96
C ARG A 355 6.03 -14.28 11.20
N VAL A 356 5.14 -14.79 10.35
CA VAL A 356 4.01 -13.99 9.91
C VAL A 356 3.03 -13.97 11.08
N SER A 357 2.69 -12.82 11.61
CA SER A 357 1.79 -12.73 12.77
C SER A 357 0.54 -11.92 12.49
N MET A 358 -0.49 -12.16 13.30
CA MET A 358 -1.76 -11.48 13.19
C MET A 358 -2.19 -11.05 14.56
N ALA A 359 -2.69 -9.83 14.64
CA ALA A 359 -3.49 -9.38 15.78
C ALA A 359 -4.91 -9.15 15.31
N HIS A 360 -5.88 -9.69 16.06
CA HIS A 360 -7.22 -9.63 15.68
C HIS A 360 -8.07 -9.12 16.82
N THR A 361 -8.95 -8.18 16.51
CA THR A 361 -10.00 -7.75 17.44
C THR A 361 -11.35 -7.80 16.77
N ALA A 362 -12.33 -8.28 17.52
CA ALA A 362 -13.69 -8.27 17.07
C ALA A 362 -14.29 -6.88 16.88
N ASP A 363 -13.76 -5.90 17.59
CA ASP A 363 -14.26 -4.54 17.48
C ASP A 363 -13.20 -3.61 18.05
N VAL A 364 -12.64 -2.76 17.19
CA VAL A 364 -11.52 -1.90 17.55
C VAL A 364 -11.84 -0.95 18.70
N ALA A 365 -13.13 -0.61 18.85
CA ALA A 365 -13.58 0.29 19.94
C ALA A 365 -13.54 -0.37 21.31
N ASN A 366 -13.84 -1.67 21.40
CA ASN A 366 -14.01 -2.31 22.73
C ASN A 366 -13.37 -3.67 22.99
N GLY A 367 -13.00 -4.42 21.94
CA GLY A 367 -12.52 -5.78 22.11
C GLY A 367 -11.03 -5.96 22.34
N LYS A 368 -10.65 -7.02 23.06
CA LYS A 368 -9.23 -7.34 23.29
C LYS A 368 -8.58 -7.79 21.98
N TRP A 369 -7.28 -7.59 21.87
CA TRP A 369 -6.50 -8.07 20.71
C TRP A 369 -6.00 -9.48 20.99
N ILE A 370 -6.30 -10.41 20.07
CA ILE A 370 -5.78 -11.79 20.13
C ILE A 370 -4.65 -11.87 19.10
N VAL A 371 -3.42 -12.14 19.57
CA VAL A 371 -2.21 -12.21 18.75
C VAL A 371 -1.82 -13.67 18.53
N THR A 372 -1.71 -14.03 17.25
CA THR A 372 -1.35 -15.38 16.83
C THR A 372 -0.31 -15.31 15.74
N ASP A 373 0.32 -16.44 15.45
CA ASP A 373 1.22 -16.58 14.33
C ASP A 373 0.54 -17.39 13.26
N LEU A 374 0.61 -16.88 12.03
CA LEU A 374 0.06 -17.59 10.86
C LEU A 374 1.06 -18.55 10.28
N THR A 375 2.35 -18.32 10.46
CA THR A 375 3.37 -19.32 10.17
C THR A 375 4.03 -19.76 11.48
N ASP A 376 4.67 -20.92 11.46
CA ASP A 376 5.53 -21.31 12.61
C ASP A 376 6.99 -21.31 12.23
N PHE A 377 7.34 -20.60 11.17
CA PHE A 377 8.71 -20.44 10.71
C PHE A 377 8.97 -18.95 10.49
N SER A 378 10.23 -18.56 10.63
CA SER A 378 10.69 -17.19 10.40
C SER A 378 10.70 -16.85 8.92
N VAL A 379 10.26 -15.63 8.60
CA VAL A 379 10.42 -15.07 7.25
C VAL A 379 11.39 -13.86 7.26
N ASP A 380 12.09 -13.71 8.39
CA ASP A 380 13.20 -12.75 8.54
C ASP A 380 12.72 -11.31 8.29
N ALA A 381 13.22 -10.66 7.24
CA ALA A 381 12.96 -9.24 6.99
C ALA A 381 11.70 -9.00 6.17
N TRP A 382 10.88 -10.04 6.00
CA TRP A 382 9.64 -9.89 5.26
C TRP A 382 8.76 -8.80 5.80
N GLU A 383 8.09 -8.10 4.91
CA GLU A 383 7.01 -7.21 5.32
C GLU A 383 5.74 -7.58 4.58
N PRO A 384 4.59 -7.48 5.26
CA PRO A 384 3.36 -7.94 4.64
C PRO A 384 2.88 -7.15 3.42
N SER A 385 2.28 -7.87 2.48
CA SER A 385 1.41 -7.28 1.47
C SER A 385 0.31 -8.27 1.26
N HIS A 386 -0.81 -7.79 0.77
CA HIS A 386 -2.02 -8.60 0.66
C HIS A 386 -2.80 -8.21 -0.57
N ASP A 387 -3.74 -9.06 -0.94
CA ASP A 387 -4.56 -8.88 -2.09
C ASP A 387 -5.74 -8.00 -1.68
N THR A 388 -5.59 -6.71 -1.94
CA THR A 388 -6.53 -5.74 -1.49
CA THR A 388 -6.57 -5.72 -1.52
C THR A 388 -7.91 -5.96 -2.13
N GLU A 389 -7.94 -6.31 -3.42
CA GLU A 389 -9.20 -6.49 -4.10
C GLU A 389 -9.92 -7.75 -3.68
N LEU A 390 -9.17 -8.80 -3.37
CA LEU A 390 -9.81 -10.01 -2.90
C LEU A 390 -10.55 -9.77 -1.58
N TRP A 391 -10.00 -8.96 -0.71
CA TRP A 391 -10.68 -8.64 0.53
C TRP A 391 -11.94 -7.83 0.30
N LYS A 392 -11.84 -6.81 -0.53
CA LYS A 392 -13.00 -5.98 -0.85
C LYS A 392 -14.12 -6.77 -1.47
N LYS A 393 -13.81 -7.65 -2.41
CA LYS A 393 -14.85 -8.35 -3.19
C LYS A 393 -15.35 -9.61 -2.49
N GLN A 394 -14.49 -10.33 -1.77
CA GLN A 394 -14.82 -11.69 -1.27
C GLN A 394 -14.57 -11.86 0.23
N ARG A 395 -14.01 -10.85 0.92
CA ARG A 395 -13.66 -11.00 2.32
C ARG A 395 -12.81 -12.24 2.57
N LYS A 396 -11.83 -12.47 1.68
CA LYS A 396 -10.79 -13.45 1.87
C LYS A 396 -9.49 -12.71 1.95
N LEU A 397 -8.68 -13.07 2.94
CA LEU A 397 -7.37 -12.50 3.17
C LEU A 397 -6.31 -13.41 2.58
N ASN A 398 -5.60 -12.92 1.58
CA ASN A 398 -4.46 -13.62 0.98
C ASN A 398 -3.24 -12.73 1.09
N LEU A 399 -2.14 -13.30 1.58
CA LEU A 399 -0.87 -12.61 1.83
C LEU A 399 0.21 -13.13 0.92
N PHE A 400 1.05 -12.23 0.40
CA PHE A 400 2.25 -12.59 -0.31
C PHE A 400 3.30 -12.85 0.75
N VAL A 401 3.78 -14.10 0.84
CA VAL A 401 4.75 -14.55 1.85
C VAL A 401 6.00 -15.11 1.22
N GLN A 402 7.14 -14.63 1.70
CA GLN A 402 8.42 -15.09 1.22
C GLN A 402 9.46 -14.75 2.25
N HIS A 403 10.32 -15.72 2.53
CA HIS A 403 11.49 -15.48 3.39
C HIS A 403 12.40 -14.48 2.67
N THR A 404 12.71 -13.39 3.38
CA THR A 404 13.34 -12.23 2.78
C THR A 404 14.56 -11.88 3.61
N CYS A 405 15.74 -11.85 2.97
CA CYS A 405 17.01 -11.61 3.69
C CYS A 405 17.19 -10.14 4.09
N PRO A 417 17.67 -18.15 -3.74
CA PRO A 417 16.28 -17.89 -4.15
C PRO A 417 15.30 -18.57 -3.21
N GLN A 418 14.29 -17.82 -2.77
CA GLN A 418 13.34 -18.34 -1.77
C GLN A 418 11.96 -18.48 -2.38
N MET A 419 11.26 -19.56 -2.03
CA MET A 419 9.89 -19.81 -2.49
C MET A 419 8.96 -18.67 -2.06
N ILE A 420 8.19 -18.20 -3.03
CA ILE A 420 7.09 -17.29 -2.82
C ILE A 420 5.84 -18.13 -2.62
N TYR A 421 5.04 -17.74 -1.61
CA TYR A 421 3.76 -18.37 -1.36
C TYR A 421 2.62 -17.36 -1.29
N VAL A 422 1.41 -17.83 -1.53
CA VAL A 422 0.22 -17.09 -1.13
C VAL A 422 -0.33 -17.77 0.10
N LEU A 423 -0.38 -17.06 1.22
CA LEU A 423 -0.98 -17.56 2.44
C LEU A 423 -2.43 -17.14 2.47
N GLU A 424 -3.31 -18.15 2.45
CA GLU A 424 -4.73 -17.99 2.48
C GLU A 424 -5.14 -18.09 3.94
N ALA A 425 -5.37 -16.96 4.58
CA ALA A 425 -5.65 -16.89 6.03
C ALA A 425 -7.11 -17.14 6.33
N ASN A 426 -7.39 -17.68 7.51
CA ASN A 426 -8.78 -17.80 7.99
C ASN A 426 -9.19 -16.50 8.68
N THR A 427 -10.34 -15.97 8.31
CA THR A 427 -10.89 -14.78 8.94
C THR A 427 -12.35 -14.89 9.37
N ASN A 428 -13.01 -16.03 9.14
CA ASN A 428 -14.38 -16.23 9.62
C ASN A 428 -14.77 -17.70 9.62
#